data_3G3U
#
_entry.id   3G3U
#
_cell.length_a   68.440
_cell.length_b   100.730
_cell.length_c   102.490
_cell.angle_alpha   90.00
_cell.angle_beta   90.00
_cell.angle_gamma   90.00
#
_symmetry.space_group_name_H-M   'P 21 21 21'
#
loop_
_entity.id
_entity.type
_entity.pdbx_description
1 polymer 'Vacuolar transporter chaperone 4'
2 non-polymer 'PYROPHOSPHATE 2-'
3 non-polymer 'SULFATE ION'
4 non-polymer 1,2-ETHANEDIOL
5 water water
#
_entity_poly.entity_id   1
_entity_poly.type   'polypeptide(L)'
_entity_poly.pdbx_seq_one_letter_code
;GAMGKQQNFVRQTTKYWVHPDNITELKLIILKHLPVLVFNTNKEFEREDSAITSIYFDNENLDLYYGRLRKDEGAEAHRL
RWYGGMSTDTIFVERKTHREDWTGEKSVKARFALKERHVNDFLKGKYTVDQVFAKMRKEGKKPMNEIENLEALASEIQYV
MLKKKLRPVVRSFYNRTAFQLPGDARVRISLDTELTMVREDNFDGVDRTHKNWRRTDIGVDWPFKQLDDKDICRFPYAVL
EVKLQTQLGQEPPEWVRELVGSHLVEPVPKFSKFIHGVATLLNDKVDSIPFWLPQ
;
_entity_poly.pdbx_strand_id   A,B
#
loop_
_chem_comp.id
_chem_comp.type
_chem_comp.name
_chem_comp.formula
EDO non-polymer 1,2-ETHANEDIOL 'C2 H6 O2'
POP non-polymer 'PYROPHOSPHATE 2-' 'H2 O7 P2 -2'
SO4 non-polymer 'SULFATE ION' 'O4 S -2'
#
# COMPACT_ATOMS: atom_id res chain seq x y z
N VAL A 10 28.55 -10.26 -3.69
CA VAL A 10 28.34 -11.20 -2.58
C VAL A 10 27.10 -10.84 -1.75
N ARG A 11 26.21 -11.82 -1.56
CA ARG A 11 24.98 -11.58 -0.83
C ARG A 11 24.94 -12.30 0.51
N GLN A 12 24.48 -11.60 1.54
CA GLN A 12 24.33 -12.21 2.85
C GLN A 12 22.94 -11.97 3.44
N THR A 13 22.39 -13.02 4.06
CA THR A 13 21.12 -12.91 4.77
C THR A 13 21.28 -13.28 6.23
N THR A 14 20.79 -12.41 7.11
CA THR A 14 20.80 -12.72 8.54
C THR A 14 19.47 -12.36 9.19
N LYS A 15 19.15 -13.07 10.27
CA LYS A 15 17.91 -12.88 11.00
C LYS A 15 18.16 -12.57 12.47
N TYR A 16 17.31 -11.74 13.05
CA TYR A 16 17.48 -11.30 14.43
C TYR A 16 16.14 -11.27 15.14
N TRP A 17 16.15 -11.43 16.45
CA TRP A 17 14.97 -11.16 17.24
C TRP A 17 15.11 -9.76 17.84
N VAL A 18 13.98 -9.09 18.01
CA VAL A 18 13.97 -7.73 18.52
C VAL A 18 12.91 -7.60 19.61
N HIS A 19 13.36 -7.34 20.83
CA HIS A 19 12.46 -7.23 21.98
C HIS A 19 11.52 -6.04 21.72
N PRO A 20 10.25 -6.16 22.14
CA PRO A 20 9.25 -5.10 21.94
C PRO A 20 9.73 -3.73 22.44
N ASP A 21 10.61 -3.72 23.44
CA ASP A 21 11.13 -2.48 24.01
C ASP A 21 12.17 -1.80 23.11
N ASN A 22 12.63 -2.50 22.09
CA ASN A 22 13.61 -1.95 21.17
C ASN A 22 13.09 -1.75 19.75
N ILE A 23 11.79 -1.94 19.55
CA ILE A 23 11.23 -1.88 18.20
C ILE A 23 11.20 -0.46 17.60
N THR A 24 10.70 0.51 18.37
CA THR A 24 10.60 1.85 17.84
C THR A 24 11.99 2.41 17.55
N GLU A 25 12.87 2.36 18.55
CA GLU A 25 14.23 2.81 18.37
C GLU A 25 14.90 2.17 17.17
N LEU A 26 14.65 0.88 16.94
CA LEU A 26 15.22 0.20 15.77
C LEU A 26 14.66 0.75 14.45
N LYS A 27 13.37 1.04 14.44
CA LYS A 27 12.73 1.59 13.24
C LYS A 27 13.31 2.95 12.86
N LEU A 28 13.48 3.81 13.86
CA LEU A 28 14.04 5.14 13.63
C LEU A 28 15.42 5.08 12.98
N ILE A 29 16.23 4.09 13.33
CA ILE A 29 17.55 3.97 12.74
C ILE A 29 17.45 3.63 11.26
N ILE A 30 16.63 2.63 10.96
CA ILE A 30 16.50 2.20 9.58
C ILE A 30 15.90 3.29 8.66
N LEU A 31 14.83 3.92 9.11
CA LEU A 31 14.12 4.88 8.28
C LEU A 31 14.95 6.12 8.01
N LYS A 32 15.98 6.32 8.82
CA LYS A 32 16.97 7.35 8.56
C LYS A 32 17.68 7.09 7.24
N HIS A 33 17.80 5.82 6.85
CA HIS A 33 18.54 5.44 5.64
C HIS A 33 17.68 4.87 4.53
N LEU A 34 16.54 4.28 4.87
CA LEU A 34 15.73 3.61 3.86
C LEU A 34 14.26 4.02 3.88
N PRO A 35 13.65 4.10 2.70
CA PRO A 35 12.22 4.38 2.52
C PRO A 35 11.45 3.12 2.87
N VAL A 36 10.15 3.25 3.07
CA VAL A 36 9.27 2.11 3.24
C VAL A 36 8.47 1.93 1.96
N LEU A 37 8.40 0.71 1.45
CA LEU A 37 7.60 0.43 0.26
C LEU A 37 6.11 0.43 0.61
N VAL A 38 5.31 1.04 -0.26
CA VAL A 38 3.87 1.07 -0.10
C VAL A 38 3.25 0.69 -1.43
N PHE A 39 2.04 0.16 -1.42
CA PHE A 39 1.52 -0.44 -2.65
C PHE A 39 0.24 0.21 -3.20
N ASN A 40 -0.21 1.28 -2.57
CA ASN A 40 -1.26 2.12 -3.14
C ASN A 40 -0.69 3.42 -3.69
N THR A 41 -1.23 3.89 -4.81
CA THR A 41 -0.69 5.06 -5.50
C THR A 41 -0.88 6.38 -4.73
N ASN A 42 -1.90 6.45 -3.87
CA ASN A 42 -2.05 7.58 -2.97
C ASN A 42 -1.18 7.43 -1.71
N LYS A 43 -0.37 6.39 -1.68
CA LYS A 43 0.56 6.16 -0.58
C LYS A 43 -0.14 6.11 0.78
N GLU A 44 -1.41 5.74 0.76
CA GLU A 44 -2.13 5.45 1.99
C GLU A 44 -2.27 3.95 2.12
N PHE A 45 -2.26 3.44 3.34
CA PHE A 45 -2.39 2.00 3.54
C PHE A 45 -3.36 1.70 4.66
N GLU A 46 -4.06 0.56 4.55
CA GLU A 46 -4.93 0.11 5.63
C GLU A 46 -4.30 -1.00 6.46
N ARG A 47 -4.90 -1.31 7.61
CA ARG A 47 -4.33 -2.29 8.54
C ARG A 47 -3.90 -3.61 7.87
N GLU A 48 -4.77 -4.16 7.03
CA GLU A 48 -4.55 -5.43 6.36
C GLU A 48 -3.47 -5.42 5.26
N ASP A 49 -3.09 -4.24 4.80
CA ASP A 49 -2.07 -4.11 3.74
C ASP A 49 -0.74 -4.75 4.13
N SER A 50 -0.41 -4.69 5.42
CA SER A 50 0.86 -5.23 5.94
C SER A 50 0.87 -6.76 6.14
N ALA A 51 -0.31 -7.37 6.14
CA ALA A 51 -0.43 -8.80 6.46
C ALA A 51 0.22 -9.76 5.44
N ILE A 52 0.94 -10.75 5.95
CA ILE A 52 1.36 -11.88 5.13
C ILE A 52 1.04 -13.18 5.86
N THR A 53 0.28 -14.05 5.20
CA THR A 53 -0.11 -15.32 5.78
C THR A 53 0.41 -16.47 4.92
N SER A 54 0.96 -17.48 5.58
CA SER A 54 1.46 -18.64 4.86
C SER A 54 0.95 -19.92 5.52
N ILE A 55 0.44 -20.85 4.72
CA ILE A 55 0.06 -22.16 5.22
C ILE A 55 1.14 -23.18 4.83
N TYR A 56 1.92 -23.62 5.82
CA TYR A 56 2.97 -24.60 5.57
C TYR A 56 2.38 -25.99 5.52
N PHE A 57 2.78 -26.77 4.52
CA PHE A 57 2.31 -28.13 4.36
C PHE A 57 3.42 -29.12 4.78
N ASP A 58 2.99 -30.24 5.35
CA ASP A 58 3.86 -31.36 5.69
C ASP A 58 2.97 -32.58 5.85
N ASN A 59 3.54 -33.77 6.02
CA ASN A 59 2.75 -34.97 6.28
C ASN A 59 2.73 -35.32 7.77
N GLU A 60 1.99 -36.37 8.12
CA GLU A 60 1.87 -36.74 9.52
C GLU A 60 3.19 -37.21 10.20
N ASN A 61 4.14 -37.67 9.39
CA ASN A 61 5.49 -37.97 9.88
C ASN A 61 6.38 -36.75 10.01
N LEU A 62 5.89 -35.61 9.53
CA LEU A 62 6.62 -34.36 9.59
C LEU A 62 7.93 -34.45 8.82
N ASP A 63 7.91 -35.14 7.69
CA ASP A 63 9.13 -35.29 6.87
C ASP A 63 9.78 -33.97 6.50
N LEU A 64 8.97 -32.97 6.14
CA LEU A 64 9.55 -31.74 5.63
C LEU A 64 10.18 -30.97 6.77
N TYR A 65 9.51 -30.96 7.92
CA TYR A 65 10.04 -30.32 9.14
C TYR A 65 11.42 -30.86 9.47
N TYR A 66 11.54 -32.18 9.59
CA TYR A 66 12.84 -32.77 9.89
C TYR A 66 13.92 -32.43 8.86
N GLY A 67 13.57 -32.50 7.58
CA GLY A 67 14.50 -32.13 6.52
C GLY A 67 15.03 -30.71 6.65
N ARG A 68 14.15 -29.75 6.91
CA ARG A 68 14.56 -28.36 7.08
C ARG A 68 15.36 -28.17 8.38
N LEU A 69 14.94 -28.86 9.44
CA LEU A 69 15.61 -28.76 10.74
C LEU A 69 17.08 -29.17 10.61
N ARG A 70 17.32 -30.39 10.10
CA ARG A 70 18.65 -30.94 9.88
CA ARG A 70 18.69 -30.85 9.95
C ARG A 70 19.41 -30.25 8.75
N LYS A 71 18.72 -29.41 8.00
CA LYS A 71 19.34 -28.72 6.89
C LYS A 71 19.89 -29.68 5.82
N ASP A 72 19.20 -30.78 5.57
CA ASP A 72 19.51 -31.62 4.41
C ASP A 72 19.69 -30.80 3.12
N GLU A 73 20.63 -31.24 2.28
CA GLU A 73 20.81 -30.61 0.98
C GLU A 73 19.54 -30.87 0.19
N GLY A 74 18.96 -29.81 -0.38
CA GLY A 74 17.72 -29.94 -1.14
C GLY A 74 16.42 -30.07 -0.34
N ALA A 75 16.49 -29.92 0.99
CA ALA A 75 15.29 -30.00 1.83
C ALA A 75 14.25 -28.92 1.42
N GLU A 76 13.05 -29.35 1.09
CA GLU A 76 12.02 -28.40 0.64
C GLU A 76 11.08 -27.98 1.77
N ALA A 77 10.67 -26.72 1.73
CA ALA A 77 9.48 -26.32 2.47
C ALA A 77 8.41 -25.84 1.49
N HIS A 78 7.15 -26.22 1.74
CA HIS A 78 6.05 -25.91 0.84
C HIS A 78 5.03 -25.10 1.57
N ARG A 79 4.68 -23.95 0.99
CA ARG A 79 3.69 -23.07 1.63
C ARG A 79 2.83 -22.34 0.61
N LEU A 80 1.61 -22.03 1.03
CA LEU A 80 0.66 -21.29 0.20
C LEU A 80 0.41 -19.97 0.90
N ARG A 81 0.80 -18.90 0.22
CA ARG A 81 0.89 -17.60 0.85
C ARG A 81 -0.08 -16.62 0.17
N TRP A 82 -0.67 -15.72 0.95
CA TRP A 82 -1.34 -14.54 0.41
C TRP A 82 -0.97 -13.29 1.22
N TYR A 83 -1.01 -12.15 0.53
CA TYR A 83 -0.69 -10.85 1.12
C TYR A 83 -1.98 -10.07 1.35
N GLY A 84 -2.11 -9.44 2.49
CA GLY A 84 -3.31 -8.69 2.79
C GLY A 84 -4.45 -9.50 3.38
N GLY A 85 -5.66 -8.99 3.22
CA GLY A 85 -6.83 -9.50 3.92
C GLY A 85 -7.51 -10.64 3.21
N MET A 86 -8.66 -11.06 3.73
CA MET A 86 -9.34 -12.24 3.23
C MET A 86 -10.00 -12.08 1.87
N SER A 87 -10.12 -10.84 1.39
CA SER A 87 -10.61 -10.62 0.03
C SER A 87 -9.51 -10.92 -1.01
N THR A 88 -8.27 -11.03 -0.57
CA THR A 88 -7.19 -11.35 -1.51
C THR A 88 -7.44 -12.70 -2.17
N ASP A 89 -7.34 -12.72 -3.49
CA ASP A 89 -7.75 -13.86 -4.30
C ASP A 89 -6.58 -14.61 -4.93
N THR A 90 -5.43 -13.97 -4.95
CA THR A 90 -4.25 -14.54 -5.58
C THR A 90 -3.45 -15.26 -4.52
N ILE A 91 -3.26 -16.56 -4.70
CA ILE A 91 -2.54 -17.38 -3.71
C ILE A 91 -1.20 -17.83 -4.30
N PHE A 92 -0.11 -17.55 -3.60
CA PHE A 92 1.19 -17.98 -4.10
C PHE A 92 1.57 -19.36 -3.58
N VAL A 93 1.76 -20.29 -4.51
CA VAL A 93 2.21 -21.64 -4.16
C VAL A 93 3.74 -21.59 -4.17
N GLU A 94 4.35 -21.57 -2.99
CA GLU A 94 5.80 -21.33 -2.86
C GLU A 94 6.58 -22.55 -2.38
N ARG A 95 7.76 -22.75 -2.95
CA ARG A 95 8.67 -23.81 -2.55
C ARG A 95 10.03 -23.22 -2.21
N LYS A 96 10.52 -23.47 -1.00
CA LYS A 96 11.87 -23.03 -0.61
C LYS A 96 12.75 -24.26 -0.53
N THR A 97 13.95 -24.17 -1.10
CA THR A 97 14.86 -25.32 -1.15
C THR A 97 16.18 -24.94 -0.49
N HIS A 98 16.62 -25.76 0.45
CA HIS A 98 17.92 -25.54 1.09
C HIS A 98 19.09 -26.01 0.22
N ARG A 99 20.09 -25.15 0.02
CA ARG A 99 21.27 -25.52 -0.78
C ARG A 99 22.57 -25.39 0.03
N GLU A 100 23.50 -26.31 -0.22
CA GLU A 100 24.83 -26.27 0.41
C GLU A 100 25.89 -26.74 -0.56
N ASP A 101 26.99 -26.00 -0.64
CA ASP A 101 28.14 -26.42 -1.44
C ASP A 101 29.42 -25.79 -0.91
N TRP A 102 30.47 -25.81 -1.74
CA TRP A 102 31.75 -25.24 -1.35
C TRP A 102 31.66 -23.77 -0.95
N THR A 103 30.82 -23.01 -1.65
CA THR A 103 30.69 -21.59 -1.42
C THR A 103 29.93 -21.30 -0.13
N GLY A 104 29.23 -22.30 0.38
CA GLY A 104 28.49 -22.17 1.61
C GLY A 104 27.02 -22.52 1.48
N GLU A 105 26.17 -21.68 2.07
CA GLU A 105 24.74 -21.94 2.12
C GLU A 105 23.93 -20.94 1.29
N LYS A 106 22.69 -21.32 1.00
CA LYS A 106 21.69 -20.41 0.45
C LYS A 106 20.28 -21.02 0.45
N SER A 107 19.28 -20.15 0.32
CA SER A 107 17.90 -20.55 0.21
C SER A 107 17.43 -20.21 -1.20
N VAL A 108 16.81 -21.16 -1.87
CA VAL A 108 16.25 -20.92 -3.20
C VAL A 108 14.72 -20.94 -3.13
N LYS A 109 14.09 -19.83 -3.49
CA LYS A 109 12.62 -19.73 -3.52
C LYS A 109 12.10 -19.80 -4.96
N ALA A 110 11.03 -20.55 -5.17
CA ALA A 110 10.31 -20.54 -6.43
C ALA A 110 8.80 -20.58 -6.16
N ARG A 111 8.02 -19.92 -7.03
CA ARG A 111 6.57 -19.85 -6.81
C ARG A 111 5.83 -19.68 -8.12
N PHE A 112 4.56 -20.06 -8.12
CA PHE A 112 3.63 -19.67 -9.16
C PHE A 112 2.34 -19.29 -8.48
N ALA A 113 1.45 -18.62 -9.22
CA ALA A 113 0.25 -18.03 -8.66
C ALA A 113 -0.98 -18.83 -9.06
N LEU A 114 -1.95 -18.88 -8.15
CA LEU A 114 -3.17 -19.65 -8.35
C LEU A 114 -4.36 -18.86 -7.78
N LYS A 115 -5.46 -18.81 -8.52
CA LYS A 115 -6.70 -18.29 -7.94
C LYS A 115 -7.16 -19.15 -6.76
N GLU A 116 -7.65 -18.52 -5.71
CA GLU A 116 -8.06 -19.21 -4.50
C GLU A 116 -8.99 -20.39 -4.76
N ARG A 117 -9.98 -20.20 -5.64
CA ARG A 117 -11.01 -21.22 -5.85
C ARG A 117 -10.49 -22.47 -6.54
N HIS A 118 -9.26 -22.42 -7.03
CA HIS A 118 -8.66 -23.57 -7.69
C HIS A 118 -7.72 -24.35 -6.77
N VAL A 119 -7.40 -23.80 -5.61
CA VAL A 119 -6.36 -24.38 -4.76
C VAL A 119 -6.64 -25.83 -4.34
N ASN A 120 -7.76 -26.08 -3.66
CA ASN A 120 -8.08 -27.46 -3.26
C ASN A 120 -7.95 -28.45 -4.41
N ASP A 121 -8.54 -28.09 -5.55
CA ASP A 121 -8.64 -28.99 -6.68
C ASP A 121 -7.27 -29.26 -7.29
N PHE A 122 -6.45 -28.22 -7.34
CA PHE A 122 -5.10 -28.39 -7.80
C PHE A 122 -4.32 -29.31 -6.86
N LEU A 123 -4.47 -29.12 -5.56
CA LEU A 123 -3.67 -29.91 -4.62
C LEU A 123 -4.07 -31.38 -4.69
N LYS A 124 -5.34 -31.68 -4.99
CA LYS A 124 -5.81 -33.05 -5.10
C LYS A 124 -5.43 -33.69 -6.43
N GLY A 125 -4.81 -32.90 -7.31
CA GLY A 125 -4.47 -33.38 -8.65
C GLY A 125 -5.67 -33.46 -9.59
N LYS A 126 -6.77 -32.82 -9.21
CA LYS A 126 -7.97 -32.81 -10.07
C LYS A 126 -7.90 -31.73 -11.13
N TYR A 127 -7.35 -30.59 -10.75
CA TYR A 127 -7.08 -29.48 -11.65
C TYR A 127 -5.61 -29.62 -12.08
N THR A 128 -5.36 -29.94 -13.35
CA THR A 128 -4.01 -30.26 -13.83
C THR A 128 -3.18 -29.00 -14.08
N VAL A 129 -1.87 -29.18 -14.19
CA VAL A 129 -0.96 -28.06 -14.47
C VAL A 129 -1.29 -27.41 -15.81
N ASP A 130 -1.60 -28.23 -16.80
CA ASP A 130 -2.03 -27.68 -18.09
C ASP A 130 -3.24 -26.77 -17.92
N GLN A 131 -4.24 -27.23 -17.18
CA GLN A 131 -5.40 -26.42 -16.90
C GLN A 131 -5.01 -25.15 -16.17
N VAL A 132 -4.12 -25.28 -15.19
CA VAL A 132 -3.68 -24.12 -14.42
C VAL A 132 -3.10 -23.06 -15.33
N PHE A 133 -2.27 -23.47 -16.28
CA PHE A 133 -1.59 -22.48 -17.12
C PHE A 133 -2.24 -22.22 -18.48
N ALA A 134 -3.43 -22.76 -18.72
CA ALA A 134 -4.13 -22.56 -20.00
C ALA A 134 -4.37 -21.08 -20.31
N LYS A 135 -4.94 -20.35 -19.36
CA LYS A 135 -5.11 -18.92 -19.55
C LYS A 135 -3.78 -18.20 -19.78
N MET A 136 -2.72 -18.60 -19.07
CA MET A 136 -1.44 -17.91 -19.23
C MET A 136 -0.84 -18.09 -20.62
N ARG A 137 -0.91 -19.32 -21.14
CA ARG A 137 -0.40 -19.61 -22.47
C ARG A 137 -1.22 -18.88 -23.53
N LYS A 138 -2.54 -18.97 -23.42
CA LYS A 138 -3.46 -18.25 -24.29
C LYS A 138 -3.09 -16.78 -24.43
N GLU A 139 -2.79 -16.14 -23.31
CA GLU A 139 -2.48 -14.71 -23.30
C GLU A 139 -1.24 -14.34 -24.11
N GLY A 140 -0.23 -15.20 -24.09
CA GLY A 140 0.99 -14.96 -24.84
C GLY A 140 1.87 -13.83 -24.33
N LYS A 141 1.55 -13.29 -23.15
CA LYS A 141 2.38 -12.27 -22.51
C LYS A 141 3.79 -12.80 -22.14
N LYS A 142 3.85 -13.85 -21.33
CA LYS A 142 5.14 -14.41 -20.90
C LYS A 142 5.77 -15.30 -21.95
N PRO A 143 7.09 -15.15 -22.17
CA PRO A 143 7.80 -15.97 -23.15
C PRO A 143 7.57 -17.45 -22.87
N MET A 144 7.60 -18.27 -23.92
CA MET A 144 7.26 -19.68 -23.80
C MET A 144 8.17 -20.45 -22.85
N ASN A 145 9.47 -20.22 -22.91
CA ASN A 145 10.41 -20.94 -22.06
C ASN A 145 10.11 -20.68 -20.60
N GLU A 146 9.84 -19.42 -20.27
CA GLU A 146 9.46 -19.07 -18.90
C GLU A 146 8.18 -19.77 -18.46
N ILE A 147 7.21 -19.87 -19.36
CA ILE A 147 6.00 -20.60 -19.06
C ILE A 147 6.26 -22.08 -18.83
N GLU A 148 7.08 -22.71 -19.69
CA GLU A 148 7.37 -24.14 -19.57
C GLU A 148 8.09 -24.44 -18.24
N ASN A 149 8.97 -23.54 -17.83
CA ASN A 149 9.66 -23.68 -16.56
C ASN A 149 8.75 -23.49 -15.33
N LEU A 150 7.80 -22.56 -15.42
CA LEU A 150 6.78 -22.41 -14.36
C LEU A 150 5.89 -23.63 -14.24
N GLU A 151 5.49 -24.19 -15.38
CA GLU A 151 4.69 -25.40 -15.41
C GLU A 151 5.45 -26.60 -14.83
N ALA A 152 6.74 -26.71 -15.14
CA ALA A 152 7.56 -27.74 -14.51
C ALA A 152 7.57 -27.58 -12.97
N LEU A 153 7.73 -26.35 -12.49
CA LEU A 153 7.62 -26.06 -11.06
C LEU A 153 6.29 -26.55 -10.47
N ALA A 154 5.18 -26.20 -11.10
CA ALA A 154 3.87 -26.63 -10.63
C ALA A 154 3.74 -28.14 -10.67
N SER A 155 4.19 -28.78 -11.75
CA SER A 155 4.16 -30.24 -11.77
C SER A 155 4.98 -30.87 -10.62
N GLU A 156 6.19 -30.35 -10.39
CA GLU A 156 7.02 -30.86 -9.28
C GLU A 156 6.32 -30.69 -7.92
N ILE A 157 5.71 -29.53 -7.69
CA ILE A 157 5.06 -29.27 -6.42
C ILE A 157 3.84 -30.17 -6.29
N GLN A 158 3.01 -30.22 -7.32
CA GLN A 158 1.82 -31.06 -7.24
C GLN A 158 2.19 -32.51 -7.01
N TYR A 159 3.24 -32.98 -7.71
CA TYR A 159 3.73 -34.34 -7.50
C TYR A 159 4.12 -34.64 -6.02
N VAL A 160 4.98 -33.81 -5.43
CA VAL A 160 5.37 -34.01 -4.03
C VAL A 160 4.16 -34.00 -3.09
N MET A 161 3.29 -33.00 -3.27
CA MET A 161 2.08 -32.88 -2.46
C MET A 161 1.29 -34.19 -2.43
N LEU A 162 1.10 -34.79 -3.59
CA LEU A 162 0.37 -36.04 -3.70
C LEU A 162 1.24 -37.22 -3.22
N LYS A 163 2.48 -37.24 -3.67
CA LYS A 163 3.39 -38.34 -3.34
C LYS A 163 3.73 -38.45 -1.84
N LYS A 164 3.99 -37.32 -1.20
CA LYS A 164 4.30 -37.33 0.23
C LYS A 164 3.06 -37.10 1.11
N LYS A 165 1.89 -37.05 0.48
CA LYS A 165 0.62 -36.84 1.18
C LYS A 165 0.67 -35.62 2.08
N LEU A 166 1.17 -34.51 1.56
CA LEU A 166 1.22 -33.28 2.34
C LEU A 166 -0.19 -32.77 2.66
N ARG A 167 -0.31 -32.09 3.80
CA ARG A 167 -1.57 -31.43 4.19
C ARG A 167 -1.19 -30.15 4.95
N PRO A 168 -2.16 -29.25 5.16
CA PRO A 168 -1.88 -28.06 5.96
C PRO A 168 -1.43 -28.46 7.36
N VAL A 169 -0.38 -27.82 7.88
CA VAL A 169 0.12 -28.18 9.22
C VAL A 169 0.25 -26.97 10.12
N VAL A 170 0.85 -25.89 9.63
CA VAL A 170 0.98 -24.69 10.44
C VAL A 170 0.91 -23.41 9.62
N ARG A 171 0.23 -22.41 10.18
CA ARG A 171 0.11 -21.11 9.54
C ARG A 171 1.07 -20.15 10.21
N SER A 172 1.82 -19.36 9.45
CA SER A 172 2.45 -18.20 10.07
C SER A 172 1.71 -16.95 9.62
N PHE A 173 1.47 -16.04 10.55
CA PHE A 173 0.96 -14.72 10.21
C PHE A 173 1.88 -13.68 10.80
N TYR A 174 2.08 -12.59 10.07
CA TYR A 174 2.79 -11.43 10.61
C TYR A 174 2.51 -10.18 9.79
N ASN A 175 2.85 -9.03 10.34
CA ASN A 175 2.84 -7.78 9.58
C ASN A 175 4.26 -7.45 9.21
N ARG A 176 4.50 -7.19 7.93
CA ARG A 176 5.84 -6.92 7.47
C ARG A 176 5.98 -5.48 7.01
N THR A 177 7.00 -4.79 7.49
CA THR A 177 7.37 -3.50 6.93
C THR A 177 8.60 -3.76 6.10
N ALA A 178 8.62 -3.23 4.88
CA ALA A 178 9.74 -3.41 3.97
C ALA A 178 10.53 -2.12 3.76
N PHE A 179 11.77 -2.11 4.24
CA PHE A 179 12.63 -0.95 4.05
C PHE A 179 13.55 -1.23 2.88
N GLN A 180 13.44 -0.41 1.85
CA GLN A 180 14.10 -0.70 0.60
C GLN A 180 13.97 0.52 -0.31
N LEU A 181 15.09 0.95 -0.89
CA LEU A 181 15.07 1.93 -1.96
C LEU A 181 15.03 1.19 -3.30
N PRO A 182 13.89 1.26 -4.00
CA PRO A 182 13.71 0.50 -5.25
C PRO A 182 14.91 0.66 -6.19
N GLY A 183 15.23 -0.39 -6.92
CA GLY A 183 16.35 -0.36 -7.85
C GLY A 183 17.69 -0.24 -7.14
N ASP A 184 17.70 -0.61 -5.87
CA ASP A 184 18.95 -0.62 -5.10
C ASP A 184 18.90 -1.75 -4.08
N ALA A 185 19.52 -2.89 -4.42
CA ALA A 185 19.47 -4.08 -3.59
C ALA A 185 20.67 -4.19 -2.65
N ARG A 186 21.50 -3.14 -2.63
CA ARG A 186 22.67 -3.16 -1.77
C ARG A 186 22.24 -3.52 -0.35
N VAL A 187 21.11 -2.97 0.08
CA VAL A 187 20.57 -3.28 1.39
C VAL A 187 19.04 -3.36 1.35
N ARG A 188 18.51 -4.46 1.87
CA ARG A 188 17.05 -4.65 1.96
C ARG A 188 16.70 -5.21 3.35
N ILE A 189 15.76 -4.55 4.01
CA ILE A 189 15.45 -4.93 5.39
C ILE A 189 13.95 -5.12 5.61
N SER A 190 13.60 -6.20 6.29
CA SER A 190 12.20 -6.48 6.63
C SER A 190 12.06 -6.57 8.15
N LEU A 191 11.01 -5.96 8.67
CA LEU A 191 10.71 -6.09 10.08
C LEU A 191 9.33 -6.71 10.22
N ASP A 192 9.27 -7.87 10.86
CA ASP A 192 8.02 -8.60 10.99
C ASP A 192 7.54 -8.51 12.42
N THR A 193 6.31 -8.03 12.59
CA THR A 193 5.71 -7.89 13.91
C THR A 193 4.40 -8.65 14.01
N GLU A 194 3.85 -8.77 15.21
CA GLU A 194 2.67 -9.59 15.45
C GLU A 194 2.84 -11.03 14.92
N LEU A 195 4.06 -11.56 14.96
CA LEU A 195 4.30 -12.91 14.45
C LEU A 195 3.49 -13.92 15.23
N THR A 196 2.80 -14.78 14.50
CA THR A 196 1.89 -15.73 15.11
C THR A 196 1.97 -17.05 14.34
N MET A 197 1.95 -18.16 15.04
CA MET A 197 1.80 -19.43 14.38
C MET A 197 0.52 -20.13 14.86
N VAL A 198 -0.22 -20.69 13.91
CA VAL A 198 -1.49 -21.35 14.23
C VAL A 198 -1.53 -22.77 13.67
N ARG A 199 -2.07 -23.69 14.47
CA ARG A 199 -2.24 -25.07 14.02
C ARG A 199 -3.25 -25.15 12.88
N GLU A 200 -2.90 -25.92 11.84
CA GLU A 200 -3.79 -26.16 10.71
C GLU A 200 -3.93 -27.67 10.45
N ASP A 201 -3.28 -28.47 11.31
CA ASP A 201 -3.26 -29.93 11.17
C ASP A 201 -4.48 -30.58 11.78
N ASN A 202 -4.63 -31.88 11.51
CA ASN A 202 -5.63 -32.70 12.20
C ASN A 202 -4.98 -33.84 12.99
N PHE A 203 -3.80 -33.61 13.57
CA PHE A 203 -3.05 -34.72 14.14
C PHE A 203 -3.61 -35.23 15.46
N ASP A 204 -4.44 -34.41 16.10
CA ASP A 204 -5.10 -34.83 17.32
C ASP A 204 -6.56 -35.15 17.03
N GLY A 205 -6.88 -35.46 15.78
CA GLY A 205 -8.26 -35.79 15.43
C GLY A 205 -9.18 -34.61 15.16
N VAL A 206 -8.73 -33.39 15.45
CA VAL A 206 -9.51 -32.22 15.05
C VAL A 206 -9.21 -31.80 13.61
N ASP A 207 -10.26 -31.82 12.78
CA ASP A 207 -10.20 -31.49 11.36
C ASP A 207 -10.26 -29.98 11.20
N ARG A 208 -9.18 -29.30 11.57
CA ARG A 208 -9.18 -27.86 11.67
C ARG A 208 -9.56 -27.09 10.40
N THR A 209 -9.25 -27.65 9.23
CA THR A 209 -9.53 -26.92 7.99
C THR A 209 -10.78 -27.45 7.29
N HIS A 210 -11.37 -28.51 7.83
CA HIS A 210 -12.60 -29.05 7.27
C HIS A 210 -12.35 -29.45 5.82
N LYS A 211 -11.11 -29.87 5.60
CA LYS A 211 -10.60 -30.34 4.31
C LYS A 211 -10.39 -29.24 3.27
N ASN A 212 -10.45 -27.99 3.72
CA ASN A 212 -9.98 -26.84 2.93
C ASN A 212 -8.45 -26.71 3.07
N TRP A 213 -7.83 -25.90 2.21
CA TRP A 213 -6.39 -25.71 2.28
C TRP A 213 -5.96 -24.83 3.46
N ARG A 214 -6.93 -24.13 4.07
CA ARG A 214 -6.68 -23.28 5.24
C ARG A 214 -7.90 -23.21 6.19
N ARG A 215 -7.67 -23.00 7.48
CA ARG A 215 -8.79 -22.81 8.41
C ARG A 215 -9.53 -21.55 7.96
N THR A 216 -10.83 -21.50 8.22
CA THR A 216 -11.68 -20.38 7.81
C THR A 216 -12.35 -19.71 9.00
N ASP A 217 -11.96 -20.10 10.21
CA ASP A 217 -12.50 -19.50 11.43
C ASP A 217 -11.64 -18.34 11.90
N ILE A 218 -10.58 -18.07 11.14
CA ILE A 218 -9.78 -16.90 11.37
C ILE A 218 -9.50 -16.25 10.02
N GLY A 219 -9.18 -14.96 10.05
CA GLY A 219 -8.79 -14.26 8.85
C GLY A 219 -7.40 -13.69 9.05
N VAL A 220 -7.30 -12.38 9.07
CA VAL A 220 -6.04 -11.73 9.44
C VAL A 220 -6.26 -10.90 10.69
N ASP A 221 -7.32 -11.24 11.41
CA ASP A 221 -7.75 -10.50 12.58
C ASP A 221 -6.94 -10.83 13.83
N TRP A 222 -5.64 -10.56 13.76
CA TRP A 222 -4.77 -10.65 14.93
C TRP A 222 -5.45 -9.83 16.03
N PRO A 223 -5.38 -10.29 17.29
CA PRO A 223 -4.54 -11.40 17.77
C PRO A 223 -5.26 -12.74 17.82
N PHE A 224 -6.37 -12.86 17.11
CA PHE A 224 -7.04 -14.15 16.95
C PHE A 224 -7.54 -14.71 18.27
N LYS A 225 -8.26 -13.88 19.03
CA LYS A 225 -8.70 -14.27 20.36
C LYS A 225 -9.64 -15.47 20.35
N GLN A 226 -10.24 -15.78 19.21
CA GLN A 226 -11.18 -16.91 19.16
C GLN A 226 -10.53 -18.29 19.16
N LEU A 227 -9.23 -18.36 18.88
CA LEU A 227 -8.54 -19.65 18.88
C LEU A 227 -8.35 -20.18 20.28
N ASP A 228 -8.46 -21.50 20.42
CA ASP A 228 -8.01 -22.17 21.63
C ASP A 228 -6.54 -21.89 21.87
N ASP A 229 -6.16 -21.76 23.14
CA ASP A 229 -4.78 -21.53 23.51
C ASP A 229 -3.81 -22.51 22.83
N LYS A 230 -4.19 -23.78 22.77
CA LYS A 230 -3.31 -24.82 22.24
C LYS A 230 -3.04 -24.64 20.75
N ASP A 231 -3.88 -23.88 20.06
CA ASP A 231 -3.78 -23.78 18.61
C ASP A 231 -2.91 -22.61 18.17
N ILE A 232 -2.43 -21.81 19.12
CA ILE A 232 -1.76 -20.59 18.70
C ILE A 232 -0.51 -20.30 19.49
N CYS A 233 0.49 -19.77 18.79
CA CYS A 233 1.72 -19.32 19.41
C CYS A 233 1.86 -17.84 19.06
N ARG A 234 1.72 -16.97 20.07
CA ARG A 234 1.92 -15.54 19.85
C ARG A 234 3.35 -15.20 20.21
N PHE A 235 4.20 -15.11 19.18
CA PHE A 235 5.62 -14.86 19.34
C PHE A 235 5.83 -13.46 19.93
N PRO A 236 6.70 -13.35 20.95
CA PRO A 236 6.90 -12.13 21.75
C PRO A 236 7.79 -11.09 21.07
N TYR A 237 8.65 -11.53 20.16
CA TYR A 237 9.61 -10.62 19.54
C TYR A 237 9.28 -10.29 18.10
N ALA A 238 9.78 -9.15 17.64
CA ALA A 238 9.73 -8.85 16.22
C ALA A 238 10.84 -9.65 15.59
N VAL A 239 10.68 -10.01 14.33
CA VAL A 239 11.78 -10.63 13.60
C VAL A 239 12.29 -9.72 12.48
N LEU A 240 13.58 -9.42 12.56
CA LEU A 240 14.27 -8.55 11.62
C LEU A 240 15.12 -9.37 10.66
N GLU A 241 14.96 -9.16 9.37
CA GLU A 241 15.83 -9.82 8.38
C GLU A 241 16.58 -8.81 7.50
N VAL A 242 17.88 -9.06 7.34
CA VAL A 242 18.76 -8.16 6.62
C VAL A 242 19.31 -8.86 5.39
N LYS A 243 18.98 -8.34 4.21
CA LYS A 243 19.48 -8.90 2.94
C LYS A 243 20.48 -7.94 2.32
N LEU A 244 21.75 -8.30 2.35
CA LEU A 244 22.81 -7.45 1.79
C LEU A 244 23.26 -7.97 0.43
N GLN A 245 23.55 -7.05 -0.49
CA GLN A 245 24.24 -7.37 -1.73
C GLN A 245 25.46 -6.48 -1.87
N THR A 246 26.51 -6.82 -1.13
CA THR A 246 27.73 -6.00 -1.07
C THR A 246 28.65 -6.24 -2.26
N GLN A 247 29.09 -5.15 -2.89
CA GLN A 247 29.99 -5.23 -4.04
C GLN A 247 31.39 -5.66 -3.61
N LEU A 248 31.82 -6.80 -4.16
CA LEU A 248 33.17 -7.31 -3.87
C LEU A 248 34.20 -6.26 -4.25
N GLY A 249 35.19 -6.05 -3.38
CA GLY A 249 35.28 -6.76 -2.12
C GLY A 249 35.18 -5.80 -0.94
N GLN A 250 34.18 -4.93 -0.99
CA GLN A 250 33.93 -3.97 0.08
C GLN A 250 33.24 -4.61 1.28
N GLU A 251 32.88 -3.79 2.25
CA GLU A 251 32.11 -4.26 3.41
C GLU A 251 30.72 -3.63 3.41
N PRO A 252 29.78 -4.25 4.13
CA PRO A 252 28.44 -3.68 4.31
C PRO A 252 28.51 -2.32 4.96
N PRO A 253 27.61 -1.39 4.56
CA PRO A 253 27.55 -0.04 5.11
C PRO A 253 27.75 -0.01 6.62
N GLU A 254 28.41 1.02 7.10
CA GLU A 254 28.77 1.13 8.50
C GLU A 254 27.53 1.20 9.41
N TRP A 255 26.45 1.79 8.92
CA TRP A 255 25.23 1.91 9.74
C TRP A 255 24.58 0.54 9.91
N VAL A 256 24.68 -0.29 8.88
CA VAL A 256 24.19 -1.66 8.92
C VAL A 256 25.00 -2.50 9.91
N ARG A 257 26.32 -2.44 9.79
CA ARG A 257 27.19 -3.16 10.73
C ARG A 257 26.95 -2.70 12.16
N GLU A 258 26.92 -1.39 12.37
CA GLU A 258 26.71 -0.87 13.72
C GLU A 258 25.41 -1.43 14.29
N LEU A 259 24.36 -1.39 13.47
CA LEU A 259 23.04 -1.86 13.89
C LEU A 259 23.03 -3.32 14.34
N VAL A 260 23.46 -4.21 13.46
CA VAL A 260 23.42 -5.64 13.73
C VAL A 260 24.22 -6.06 14.95
N GLY A 261 25.30 -5.31 15.23
CA GLY A 261 26.16 -5.60 16.36
C GLY A 261 25.70 -4.90 17.62
N SER A 262 24.62 -4.15 17.51
CA SER A 262 24.12 -3.39 18.65
C SER A 262 23.24 -4.23 19.57
N HIS A 263 23.04 -3.75 20.79
CA HIS A 263 22.18 -4.40 21.77
C HIS A 263 20.72 -4.46 21.34
N LEU A 264 20.40 -3.75 20.25
CA LEU A 264 19.03 -3.64 19.76
C LEU A 264 18.48 -4.95 19.20
N VAL A 265 19.36 -5.76 18.62
CA VAL A 265 18.94 -7.02 17.99
C VAL A 265 19.65 -8.22 18.59
N GLU A 266 19.03 -9.40 18.48
CA GLU A 266 19.66 -10.65 18.90
C GLU A 266 19.72 -11.58 17.69
N PRO A 267 20.94 -11.85 17.19
CA PRO A 267 21.08 -12.76 16.04
C PRO A 267 20.55 -14.16 16.34
N VAL A 268 19.76 -14.72 15.43
CA VAL A 268 19.34 -16.11 15.49
C VAL A 268 19.45 -16.66 14.07
N PRO A 269 20.67 -17.04 13.68
CA PRO A 269 21.06 -17.35 12.30
C PRO A 269 20.06 -18.21 11.55
N LYS A 270 19.70 -19.36 12.13
CA LYS A 270 18.91 -20.35 11.42
C LYS A 270 17.39 -20.21 11.63
N PHE A 271 16.96 -19.12 12.25
CA PHE A 271 15.55 -19.00 12.64
C PHE A 271 14.61 -19.26 11.48
N SER A 272 13.49 -19.91 11.77
CA SER A 272 12.53 -20.33 10.75
C SER A 272 11.16 -20.36 11.36
N LYS A 273 10.25 -19.54 10.84
CA LYS A 273 8.89 -19.49 11.36
C LYS A 273 8.22 -20.87 11.25
N PHE A 274 8.46 -21.57 10.15
CA PHE A 274 7.92 -22.90 9.95
C PHE A 274 8.39 -23.80 11.06
N ILE A 275 9.70 -23.86 11.24
CA ILE A 275 10.27 -24.76 12.25
C ILE A 275 9.82 -24.36 13.66
N HIS A 276 9.80 -23.06 13.93
CA HIS A 276 9.35 -22.60 15.24
C HIS A 276 7.91 -23.03 15.52
N GLY A 277 7.05 -22.87 14.52
CA GLY A 277 5.65 -23.22 14.66
C GLY A 277 5.42 -24.68 14.95
N VAL A 278 6.04 -25.55 14.16
CA VAL A 278 5.91 -26.98 14.38
C VAL A 278 6.42 -27.40 15.76
N ALA A 279 7.60 -26.93 16.14
CA ALA A 279 8.24 -27.36 17.38
C ALA A 279 7.44 -26.86 18.61
N THR A 280 6.92 -25.65 18.51
CA THR A 280 6.13 -25.06 19.61
C THR A 280 4.71 -25.65 19.69
N LEU A 281 4.04 -25.75 18.57
CA LEU A 281 2.64 -26.17 18.58
C LEU A 281 2.48 -27.69 18.62
N LEU A 282 3.43 -28.41 18.03
CA LEU A 282 3.37 -29.86 18.04
C LEU A 282 4.51 -30.44 18.89
N ASN A 283 4.70 -29.82 20.05
CA ASN A 283 5.84 -30.13 20.91
C ASN A 283 5.89 -31.59 21.40
N ASP A 284 4.72 -32.16 21.68
CA ASP A 284 4.64 -33.56 22.12
C ASP A 284 4.83 -34.51 20.97
N LYS A 285 4.77 -33.99 19.75
CA LYS A 285 4.89 -34.86 18.60
C LYS A 285 6.30 -34.91 18.00
N VAL A 286 7.02 -33.80 18.00
CA VAL A 286 8.34 -33.77 17.37
C VAL A 286 9.42 -34.44 18.24
N ASP A 287 10.40 -35.06 17.59
CA ASP A 287 11.46 -35.79 18.30
C ASP A 287 12.82 -35.04 18.28
N SER A 288 12.88 -33.91 17.58
CA SER A 288 14.04 -33.01 17.58
C SER A 288 13.55 -31.57 17.53
N ILE A 289 14.34 -30.68 18.10
CA ILE A 289 13.92 -29.31 18.36
C ILE A 289 15.03 -28.34 17.98
N PRO A 290 14.65 -27.22 17.33
CA PRO A 290 15.65 -26.24 16.95
C PRO A 290 16.35 -25.69 18.20
N PHE A 291 17.58 -25.23 18.00
CA PHE A 291 18.43 -24.84 19.11
C PHE A 291 18.11 -23.46 19.68
N TRP A 292 17.17 -22.73 19.10
CA TRP A 292 16.74 -21.51 19.76
C TRP A 292 15.69 -21.83 20.84
N LEU A 293 15.31 -23.11 20.94
CA LEU A 293 14.36 -23.58 21.94
C LEU A 293 15.03 -24.61 22.88
N PRO A 294 14.50 -24.77 24.10
CA PRO A 294 15.09 -25.66 25.12
C PRO A 294 15.44 -27.05 24.59
N GLN A 295 16.74 -27.38 24.58
CA GLN A 295 17.26 -28.58 23.91
C GLN A 295 16.91 -28.63 22.40
N ASN B 8 -13.30 6.00 18.96
CA ASN B 8 -12.28 5.89 20.00
C ASN B 8 -11.03 6.72 19.67
N PHE B 9 -11.00 7.26 18.44
CA PHE B 9 -9.87 8.04 17.93
C PHE B 9 -10.36 9.36 17.33
N VAL B 10 -9.69 10.46 17.70
CA VAL B 10 -10.01 11.77 17.17
C VAL B 10 -9.08 12.09 15.98
N ARG B 11 -9.67 12.39 14.83
CA ARG B 11 -8.88 12.75 13.66
C ARG B 11 -8.84 14.26 13.47
N GLN B 12 -7.65 14.80 13.18
CA GLN B 12 -7.50 16.22 12.91
C GLN B 12 -6.46 16.46 11.82
N THR B 13 -6.77 17.42 10.95
CA THR B 13 -5.91 17.78 9.83
C THR B 13 -5.61 19.25 9.89
N THR B 14 -4.33 19.59 9.76
CA THR B 14 -3.94 21.00 9.71
C THR B 14 -2.98 21.20 8.55
N LYS B 15 -3.09 22.35 7.90
CA LYS B 15 -2.25 22.65 6.77
C LYS B 15 -1.36 23.85 7.05
N TYR B 16 -0.26 23.94 6.31
CA TYR B 16 0.75 24.94 6.57
C TYR B 16 1.49 25.26 5.28
N TRP B 17 2.04 26.46 5.18
CA TRP B 17 2.95 26.81 4.11
C TRP B 17 4.39 26.68 4.63
N VAL B 18 5.28 26.25 3.75
CA VAL B 18 6.70 26.16 4.07
C VAL B 18 7.51 26.94 3.04
N HIS B 19 8.24 27.95 3.48
CA HIS B 19 9.09 28.68 2.54
C HIS B 19 10.08 27.70 1.91
N PRO B 20 10.36 27.87 0.62
CA PRO B 20 11.18 26.88 -0.08
C PRO B 20 12.57 26.72 0.54
N ASP B 21 13.10 27.80 1.13
CA ASP B 21 14.43 27.73 1.71
C ASP B 21 14.47 26.99 3.05
N ASN B 22 13.31 26.53 3.53
CA ASN B 22 13.20 25.78 4.78
C ASN B 22 12.85 24.31 4.54
N ILE B 23 12.62 23.95 3.28
CA ILE B 23 12.18 22.60 2.93
C ILE B 23 13.18 21.49 3.39
N THR B 24 14.46 21.64 3.06
CA THR B 24 15.43 20.59 3.43
C THR B 24 15.50 20.38 4.94
N GLU B 25 15.66 21.47 5.70
CA GLU B 25 15.72 21.37 7.15
C GLU B 25 14.47 20.70 7.71
N LEU B 26 13.31 21.08 7.16
CA LEU B 26 12.05 20.49 7.57
C LEU B 26 11.98 18.98 7.34
N LYS B 27 12.38 18.54 6.14
CA LYS B 27 12.41 17.12 5.81
C LYS B 27 13.35 16.34 6.74
N LEU B 28 14.52 16.90 7.01
CA LEU B 28 15.47 16.27 7.92
C LEU B 28 14.87 16.06 9.30
N ILE B 29 14.13 17.04 9.80
CA ILE B 29 13.46 16.90 11.09
C ILE B 29 12.40 15.80 11.03
N ILE B 30 11.60 15.78 9.97
CA ILE B 30 10.58 14.76 9.86
C ILE B 30 11.20 13.38 9.81
N LEU B 31 12.35 13.28 9.15
CA LEU B 31 13.03 12.00 8.99
C LEU B 31 13.67 11.49 10.29
N LYS B 32 13.42 12.17 11.41
CA LYS B 32 13.84 11.63 12.69
C LYS B 32 12.67 10.95 13.38
N HIS B 33 11.55 10.84 12.67
CA HIS B 33 10.36 10.28 13.28
C HIS B 33 9.57 9.38 12.33
N LEU B 34 9.56 9.73 11.05
CA LEU B 34 8.70 9.07 10.10
C LEU B 34 9.48 8.74 8.83
N PRO B 35 9.17 7.58 8.22
CA PRO B 35 9.87 7.17 7.00
C PRO B 35 9.25 7.82 5.77
N VAL B 36 10.02 8.05 4.72
CA VAL B 36 9.43 8.51 3.48
C VAL B 36 8.83 7.29 2.80
N LEU B 37 7.66 7.46 2.17
CA LEU B 37 7.00 6.31 1.55
C LEU B 37 7.26 6.29 0.04
N VAL B 38 7.59 5.10 -0.47
CA VAL B 38 7.83 4.96 -1.90
C VAL B 38 6.91 3.91 -2.53
N PHE B 39 6.14 4.31 -3.53
CA PHE B 39 5.26 3.40 -4.23
C PHE B 39 6.11 2.43 -5.04
N ASN B 40 5.94 1.14 -4.81
CA ASN B 40 6.78 0.16 -5.47
C ASN B 40 6.62 0.12 -6.99
N THR B 41 7.70 0.39 -7.70
CA THR B 41 7.67 0.43 -9.16
C THR B 41 8.65 -0.60 -9.76
N ASN B 42 8.93 -1.64 -9.00
CA ASN B 42 9.86 -2.70 -9.43
C ASN B 42 9.70 -3.03 -10.91
N PHE B 45 13.04 4.21 -10.58
CA PHE B 45 12.40 5.43 -10.13
C PHE B 45 12.34 6.48 -11.22
N GLU B 46 11.20 7.15 -11.31
CA GLU B 46 11.00 8.22 -12.29
C GLU B 46 10.41 9.48 -11.62
N ARG B 47 10.85 10.64 -12.10
CA ARG B 47 10.37 11.94 -11.62
C ARG B 47 8.82 12.04 -11.59
N GLU B 48 8.16 11.37 -12.54
CA GLU B 48 6.72 11.39 -12.68
C GLU B 48 5.98 10.70 -11.53
N ASP B 49 6.70 9.88 -10.77
CA ASP B 49 6.10 9.03 -9.75
C ASP B 49 5.47 9.83 -8.60
N SER B 50 6.02 11.00 -8.31
CA SER B 50 5.53 11.83 -7.21
C SER B 50 4.37 12.75 -7.63
N ALA B 51 3.99 12.68 -8.90
CA ALA B 51 3.03 13.61 -9.48
C ALA B 51 1.58 13.35 -9.09
N ILE B 52 0.88 14.40 -8.74
CA ILE B 52 -0.57 14.33 -8.56
C ILE B 52 -1.23 15.50 -9.30
N THR B 53 -2.19 15.19 -10.16
CA THR B 53 -2.88 16.23 -10.90
C THR B 53 -4.37 16.09 -10.69
N SER B 54 -5.05 17.19 -10.41
CA SER B 54 -6.50 17.20 -10.27
C SER B 54 -7.13 18.31 -11.11
N ILE B 55 -8.14 17.93 -11.90
CA ILE B 55 -8.92 18.89 -12.65
C ILE B 55 -10.17 19.20 -11.83
N TYR B 56 -10.26 20.41 -11.29
CA TYR B 56 -11.43 20.85 -10.54
C TYR B 56 -12.51 21.39 -11.47
N PHE B 57 -13.74 20.99 -11.23
CA PHE B 57 -14.86 21.38 -12.08
C PHE B 57 -15.67 22.49 -11.43
N ASP B 58 -16.29 23.32 -12.26
CA ASP B 58 -17.19 24.37 -11.79
C ASP B 58 -17.95 24.93 -13.00
N ASN B 59 -18.84 25.88 -12.77
CA ASN B 59 -19.59 26.48 -13.87
C ASN B 59 -19.20 27.93 -14.09
N GLU B 60 -19.83 28.60 -15.04
CA GLU B 60 -19.39 29.97 -15.35
C GLU B 60 -19.70 30.97 -14.21
N ASN B 61 -20.72 30.67 -13.41
CA ASN B 61 -20.97 31.43 -12.20
C ASN B 61 -20.01 31.10 -11.04
N LEU B 62 -19.15 30.09 -11.24
CA LEU B 62 -18.25 29.62 -10.18
C LEU B 62 -19.03 29.24 -8.91
N ASP B 63 -20.21 28.63 -9.09
CA ASP B 63 -21.03 28.22 -7.96
C ASP B 63 -20.26 27.38 -6.93
N LEU B 64 -19.43 26.45 -7.38
CA LEU B 64 -18.76 25.56 -6.43
C LEU B 64 -17.70 26.29 -5.63
N TYR B 65 -16.99 27.19 -6.30
CA TYR B 65 -15.98 28.02 -5.63
C TYR B 65 -16.60 28.84 -4.50
N TYR B 66 -17.70 29.52 -4.79
CA TYR B 66 -18.35 30.36 -3.78
C TYR B 66 -18.89 29.54 -2.62
N GLY B 67 -19.48 28.40 -2.92
CA GLY B 67 -19.95 27.50 -1.88
C GLY B 67 -18.85 26.99 -0.95
N ARG B 68 -17.71 26.67 -1.53
CA ARG B 68 -16.59 26.17 -0.74
C ARG B 68 -15.93 27.29 0.04
N LEU B 69 -15.90 28.48 -0.55
CA LEU B 69 -15.29 29.64 0.07
C LEU B 69 -16.05 30.01 1.34
N ARG B 70 -17.37 30.00 1.26
CA ARG B 70 -18.24 30.35 2.41
C ARG B 70 -18.46 29.15 3.32
N LYS B 71 -18.19 27.96 2.79
CA LYS B 71 -18.48 26.73 3.51
C LYS B 71 -19.96 26.57 3.82
N ASP B 72 -20.81 26.84 2.83
CA ASP B 72 -22.24 26.51 2.89
C ASP B 72 -22.40 25.06 3.32
N GLU B 73 -23.43 24.76 4.11
CA GLU B 73 -23.77 23.37 4.39
C GLU B 73 -23.89 22.54 3.11
N GLY B 74 -23.20 21.40 3.05
CA GLY B 74 -23.26 20.53 1.89
C GLY B 74 -22.48 20.96 0.66
N ALA B 75 -21.68 22.02 0.78
CA ALA B 75 -20.97 22.56 -0.38
C ALA B 75 -19.97 21.53 -0.94
N GLU B 76 -20.13 21.21 -2.21
CA GLU B 76 -19.32 20.18 -2.85
C GLU B 76 -18.15 20.74 -3.65
N ALA B 77 -17.05 20.00 -3.68
CA ALA B 77 -15.99 20.25 -4.67
C ALA B 77 -15.85 18.98 -5.49
N HIS B 78 -15.68 19.16 -6.80
CA HIS B 78 -15.63 18.04 -7.75
C HIS B 78 -14.32 18.10 -8.52
N ARG B 79 -13.55 17.02 -8.47
CA ARG B 79 -12.28 16.99 -9.21
C ARG B 79 -11.99 15.62 -9.80
N LEU B 80 -11.34 15.60 -10.96
CA LEU B 80 -10.89 14.36 -11.60
C LEU B 80 -9.38 14.25 -11.47
N ARG B 81 -8.92 13.19 -10.83
CA ARG B 81 -7.54 13.11 -10.41
C ARG B 81 -6.82 11.90 -10.96
N TRP B 82 -5.55 12.08 -11.30
CA TRP B 82 -4.70 10.92 -11.60
C TRP B 82 -3.33 11.08 -10.98
N TYR B 83 -2.72 9.95 -10.65
CA TYR B 83 -1.39 9.91 -10.06
C TYR B 83 -0.37 9.55 -11.13
N GLY B 84 0.78 10.22 -11.11
CA GLY B 84 1.85 9.89 -12.03
C GLY B 84 1.73 10.54 -13.38
N GLY B 85 2.37 9.92 -14.39
CA GLY B 85 2.48 10.50 -15.71
C GLY B 85 1.28 10.31 -16.61
N MET B 86 1.39 10.82 -17.83
CA MET B 86 0.28 10.82 -18.77
C MET B 86 -0.11 9.42 -19.25
N SER B 87 0.73 8.43 -19.01
CA SER B 87 0.39 7.06 -19.37
C SER B 87 -0.62 6.45 -18.39
N THR B 88 -0.87 7.14 -17.29
CA THR B 88 -1.83 6.65 -16.29
C THR B 88 -3.26 6.58 -16.81
N ASP B 89 -3.85 5.40 -16.73
CA ASP B 89 -5.17 5.17 -17.31
C ASP B 89 -6.29 5.29 -16.28
N THR B 90 -5.95 5.14 -15.01
CA THR B 90 -6.97 5.20 -13.97
C THR B 90 -7.21 6.62 -13.50
N ILE B 91 -8.43 7.10 -13.70
CA ILE B 91 -8.79 8.45 -13.29
C ILE B 91 -9.74 8.38 -12.09
N PHE B 92 -9.40 9.09 -11.03
CA PHE B 92 -10.28 9.09 -9.87
C PHE B 92 -11.25 10.27 -9.94
N VAL B 93 -12.53 9.94 -9.98
CA VAL B 93 -13.58 10.95 -9.99
C VAL B 93 -13.93 11.21 -8.54
N GLU B 94 -13.50 12.36 -8.02
CA GLU B 94 -13.60 12.62 -6.59
C GLU B 94 -14.59 13.73 -6.23
N ARG B 95 -15.21 13.61 -5.07
CA ARG B 95 -16.13 14.61 -4.56
C ARG B 95 -15.91 14.82 -3.07
N LYS B 96 -15.74 16.08 -2.69
CA LYS B 96 -15.65 16.47 -1.28
C LYS B 96 -16.93 17.18 -0.91
N THR B 97 -17.49 16.84 0.25
CA THR B 97 -18.74 17.43 0.71
C THR B 97 -18.53 18.01 2.10
N HIS B 98 -18.79 19.30 2.25
CA HIS B 98 -18.61 19.96 3.53
C HIS B 98 -19.86 19.88 4.37
N ARG B 99 -19.71 19.51 5.64
CA ARG B 99 -20.84 19.50 6.56
C ARG B 99 -20.53 20.48 7.68
N GLU B 100 -21.53 21.27 8.06
CA GLU B 100 -21.37 22.16 9.20
C GLU B 100 -21.41 21.38 10.51
N ASP B 101 -20.66 21.86 11.50
CA ASP B 101 -20.63 21.24 12.83
C ASP B 101 -22.04 20.90 13.34
N TRP B 102 -22.99 21.79 13.12
CA TRP B 102 -24.32 21.65 13.71
C TRP B 102 -25.16 20.53 13.14
N THR B 103 -24.72 19.93 12.04
CA THR B 103 -25.43 18.79 11.45
C THR B 103 -25.13 17.53 12.26
N GLY B 104 -24.07 17.58 13.06
CA GLY B 104 -23.60 16.42 13.79
C GLY B 104 -22.83 15.42 12.92
N GLU B 105 -22.64 15.77 11.65
CA GLU B 105 -21.90 14.92 10.73
C GLU B 105 -20.53 15.51 10.38
N LYS B 106 -19.65 14.68 9.84
CA LYS B 106 -18.32 15.12 9.42
C LYS B 106 -18.32 15.43 7.93
N SER B 107 -17.45 16.35 7.52
CA SER B 107 -17.11 16.52 6.13
C SER B 107 -16.53 15.21 5.58
N VAL B 108 -16.81 14.94 4.31
CA VAL B 108 -16.55 13.65 3.68
C VAL B 108 -15.87 13.81 2.31
N LYS B 109 -14.94 12.91 2.01
CA LYS B 109 -14.35 12.80 0.68
C LYS B 109 -14.63 11.40 0.17
N ALA B 110 -15.10 11.30 -1.07
CA ALA B 110 -15.41 10.01 -1.65
C ALA B 110 -14.97 10.03 -3.11
N ARG B 111 -14.71 8.86 -3.67
CA ARG B 111 -14.29 8.77 -5.06
C ARG B 111 -14.66 7.42 -5.62
N PHE B 112 -14.69 7.32 -6.94
CA PHE B 112 -14.68 6.03 -7.63
C PHE B 112 -13.72 6.10 -8.84
N ALA B 113 -13.25 4.95 -9.30
CA ALA B 113 -12.29 4.90 -10.40
C ALA B 113 -12.97 4.74 -11.78
N LEU B 114 -12.44 5.42 -12.77
CA LEU B 114 -12.96 5.32 -14.13
C LEU B 114 -11.78 5.26 -15.11
N LYS B 115 -11.88 4.40 -16.12
CA LYS B 115 -10.84 4.38 -17.16
C LYS B 115 -10.91 5.66 -17.98
N GLU B 116 -9.76 6.23 -18.34
CA GLU B 116 -9.74 7.53 -18.99
C GLU B 116 -10.67 7.63 -20.22
N ARG B 117 -10.73 6.56 -21.01
CA ARG B 117 -11.52 6.57 -22.25
CA ARG B 117 -11.52 6.57 -22.25
C ARG B 117 -13.02 6.68 -22.00
N HIS B 118 -13.45 6.49 -20.75
CA HIS B 118 -14.87 6.60 -20.41
C HIS B 118 -15.25 7.94 -19.77
N VAL B 119 -14.25 8.81 -19.55
CA VAL B 119 -14.48 10.01 -18.74
C VAL B 119 -15.39 11.07 -19.38
N ASN B 120 -15.08 11.46 -20.62
CA ASN B 120 -15.95 12.39 -21.32
C ASN B 120 -17.39 11.88 -21.40
N ASP B 121 -17.56 10.61 -21.75
CA ASP B 121 -18.89 10.02 -21.89
C ASP B 121 -19.68 10.01 -20.59
N PHE B 122 -19.03 9.61 -19.50
CA PHE B 122 -19.66 9.60 -18.19
C PHE B 122 -20.14 10.99 -17.80
N LEU B 123 -19.31 12.00 -18.06
CA LEU B 123 -19.62 13.38 -17.68
C LEU B 123 -20.81 13.91 -18.46
N LYS B 124 -20.92 13.49 -19.72
CA LYS B 124 -21.98 13.91 -20.63
C LYS B 124 -23.29 13.16 -20.36
N GLY B 125 -23.19 12.01 -19.70
CA GLY B 125 -24.37 11.20 -19.43
C GLY B 125 -24.56 10.07 -20.42
N LYS B 126 -23.62 9.96 -21.35
CA LYS B 126 -23.65 8.91 -22.36
C LYS B 126 -23.19 7.57 -21.79
N TYR B 127 -22.19 7.62 -20.92
CA TYR B 127 -21.78 6.42 -20.19
C TYR B 127 -22.48 6.42 -18.84
N THR B 128 -23.40 5.48 -18.65
CA THR B 128 -24.30 5.51 -17.50
C THR B 128 -23.77 4.72 -16.31
N VAL B 129 -24.34 5.00 -15.13
CA VAL B 129 -23.89 4.36 -13.90
C VAL B 129 -23.98 2.85 -13.98
N ASP B 130 -25.02 2.35 -14.65
CA ASP B 130 -25.13 0.91 -14.85
C ASP B 130 -23.98 0.41 -15.72
N GLN B 131 -23.60 1.19 -16.72
CA GLN B 131 -22.50 0.82 -17.60
C GLN B 131 -21.18 0.83 -16.84
N VAL B 132 -21.00 1.85 -16.01
CA VAL B 132 -19.76 2.00 -15.23
C VAL B 132 -19.45 0.75 -14.40
N PHE B 133 -20.45 0.29 -13.64
CA PHE B 133 -20.24 -0.78 -12.66
C PHE B 133 -20.68 -2.16 -13.11
N ALA B 134 -20.98 -2.31 -14.39
CA ALA B 134 -21.44 -3.58 -14.93
C ALA B 134 -20.45 -4.70 -14.63
N LYS B 135 -19.17 -4.47 -14.89
CA LYS B 135 -18.17 -5.50 -14.64
C LYS B 135 -17.99 -5.80 -13.16
N MET B 136 -17.87 -4.75 -12.35
CA MET B 136 -17.75 -4.92 -10.91
C MET B 136 -18.91 -5.79 -10.40
N ARG B 137 -20.09 -5.59 -10.96
CA ARG B 137 -21.25 -6.41 -10.58
C ARG B 137 -21.10 -7.85 -11.07
N LYS B 138 -20.71 -8.02 -12.33
CA LYS B 138 -20.56 -9.36 -12.88
C LYS B 138 -19.66 -10.18 -11.97
N GLU B 139 -18.47 -9.66 -11.71
CA GLU B 139 -17.59 -10.25 -10.71
C GLU B 139 -18.32 -10.17 -9.37
N GLY B 140 -18.00 -11.05 -8.45
CA GLY B 140 -18.71 -11.07 -7.18
C GLY B 140 -17.88 -10.57 -6.01
N LYS B 141 -16.74 -9.95 -6.31
CA LYS B 141 -15.80 -9.56 -5.26
C LYS B 141 -16.38 -8.55 -4.27
N LYS B 142 -16.38 -7.27 -4.64
CA LYS B 142 -16.85 -6.18 -3.79
C LYS B 142 -18.24 -6.45 -3.21
N PRO B 143 -18.40 -6.29 -1.89
CA PRO B 143 -19.70 -6.50 -1.23
C PRO B 143 -20.76 -5.62 -1.89
N MET B 144 -21.97 -6.16 -2.00
CA MET B 144 -23.04 -5.51 -2.73
C MET B 144 -23.38 -4.12 -2.17
N ASN B 145 -23.41 -3.98 -0.85
CA ASN B 145 -23.70 -2.69 -0.26
C ASN B 145 -22.63 -1.65 -0.61
N GLU B 146 -21.40 -2.09 -0.80
CA GLU B 146 -20.34 -1.17 -1.18
C GLU B 146 -20.48 -0.75 -2.64
N ILE B 147 -20.88 -1.68 -3.49
CA ILE B 147 -21.15 -1.36 -4.89
C ILE B 147 -22.26 -0.32 -4.98
N GLU B 148 -23.31 -0.56 -4.20
CA GLU B 148 -24.44 0.36 -4.13
C GLU B 148 -24.05 1.76 -3.68
N ASN B 149 -23.15 1.84 -2.70
CA ASN B 149 -22.66 3.15 -2.27
C ASN B 149 -21.82 3.85 -3.35
N LEU B 150 -21.03 3.10 -4.09
CA LEU B 150 -20.28 3.65 -5.22
C LEU B 150 -21.20 4.11 -6.33
N GLU B 151 -22.22 3.29 -6.62
CA GLU B 151 -23.22 3.65 -7.62
C GLU B 151 -23.98 4.92 -7.24
N ALA B 152 -24.42 4.99 -5.99
CA ALA B 152 -25.10 6.20 -5.53
C ALA B 152 -24.18 7.43 -5.70
N LEU B 153 -22.90 7.25 -5.36
CA LEU B 153 -21.93 8.33 -5.51
C LEU B 153 -21.84 8.81 -6.97
N ALA B 154 -21.66 7.86 -7.88
CA ALA B 154 -21.50 8.21 -9.28
C ALA B 154 -22.75 8.87 -9.87
N SER B 155 -23.92 8.40 -9.49
CA SER B 155 -25.17 9.00 -9.96
C SER B 155 -25.33 10.44 -9.48
N GLU B 156 -24.91 10.73 -8.25
CA GLU B 156 -25.03 12.09 -7.76
C GLU B 156 -24.04 13.04 -8.43
N ILE B 157 -22.85 12.53 -8.69
CA ILE B 157 -21.83 13.30 -9.37
C ILE B 157 -22.30 13.59 -10.79
N GLN B 158 -22.79 12.55 -11.48
CA GLN B 158 -23.24 12.72 -12.84
C GLN B 158 -24.41 13.71 -12.90
N TYR B 159 -25.37 13.54 -12.01
CA TYR B 159 -26.52 14.46 -11.93
C TYR B 159 -26.06 15.92 -11.84
N VAL B 160 -25.25 16.21 -10.84
CA VAL B 160 -24.75 17.55 -10.59
C VAL B 160 -23.96 18.11 -11.78
N MET B 161 -23.09 17.29 -12.36
CA MET B 161 -22.33 17.67 -13.54
C MET B 161 -23.26 18.21 -14.63
N LEU B 162 -24.35 17.50 -14.87
CA LEU B 162 -25.30 17.91 -15.90
C LEU B 162 -26.18 19.09 -15.43
N LYS B 163 -26.83 18.93 -14.27
CA LYS B 163 -27.69 19.98 -13.72
C LYS B 163 -27.02 21.34 -13.62
N LYS B 164 -25.78 21.38 -13.13
CA LYS B 164 -25.14 22.68 -12.88
C LYS B 164 -24.22 23.09 -14.01
N LYS B 165 -24.21 22.32 -15.09
CA LYS B 165 -23.36 22.63 -16.24
C LYS B 165 -21.89 22.83 -15.86
N LEU B 166 -21.34 21.88 -15.10
CA LEU B 166 -19.96 21.98 -14.66
C LEU B 166 -19.03 21.64 -15.79
N ARG B 167 -17.89 22.32 -15.81
CA ARG B 167 -16.87 22.03 -16.80
CA ARG B 167 -16.87 22.07 -16.81
C ARG B 167 -15.50 22.16 -16.15
N PRO B 168 -14.43 21.74 -16.85
CA PRO B 168 -13.10 21.89 -16.25
C PRO B 168 -12.80 23.37 -16.07
N VAL B 169 -12.21 23.72 -14.93
CA VAL B 169 -11.98 25.13 -14.62
C VAL B 169 -10.53 25.39 -14.20
N VAL B 170 -10.03 24.61 -13.25
CA VAL B 170 -8.67 24.80 -12.76
C VAL B 170 -7.97 23.47 -12.39
N ARG B 171 -6.75 23.32 -12.86
CA ARG B 171 -5.94 22.15 -12.57
C ARG B 171 -5.00 22.53 -11.43
N SER B 172 -4.81 21.62 -10.49
CA SER B 172 -3.72 21.77 -9.54
C SER B 172 -2.75 20.64 -9.78
N PHE B 173 -1.48 20.98 -9.96
CA PHE B 173 -0.45 19.98 -10.09
C PHE B 173 0.50 20.16 -8.91
N TYR B 174 0.97 19.05 -8.34
CA TYR B 174 2.05 19.10 -7.37
C TYR B 174 2.79 17.76 -7.24
N ASN B 175 3.97 17.82 -6.64
CA ASN B 175 4.72 16.61 -6.27
C ASN B 175 4.52 16.34 -4.79
N ARG B 176 4.00 15.17 -4.45
CA ARG B 176 3.76 14.85 -3.05
C ARG B 176 4.78 13.84 -2.54
N THR B 177 5.36 14.16 -1.38
CA THR B 177 6.16 13.24 -0.59
C THR B 177 5.37 12.96 0.70
N ALA B 178 5.17 11.68 0.99
CA ALA B 178 4.36 11.26 2.13
C ALA B 178 5.22 10.54 3.16
N PHE B 179 4.93 10.78 4.44
CA PHE B 179 5.64 10.15 5.55
C PHE B 179 4.62 9.54 6.50
N GLN B 180 4.75 8.25 6.79
CA GLN B 180 3.93 7.61 7.82
C GLN B 180 4.59 6.30 8.25
N LEU B 181 4.53 6.01 9.53
CA LEU B 181 5.09 4.78 10.08
C LEU B 181 4.01 3.71 10.05
N PRO B 182 4.22 2.65 9.25
CA PRO B 182 3.23 1.60 9.02
C PRO B 182 2.52 1.10 10.27
N GLY B 183 1.21 0.99 10.18
CA GLY B 183 0.39 0.52 11.29
C GLY B 183 0.30 1.50 12.45
N ASP B 184 0.98 2.64 12.33
CA ASP B 184 0.90 3.70 13.35
C ASP B 184 0.18 4.91 12.77
N ALA B 185 -1.09 5.06 13.14
CA ALA B 185 -1.92 6.10 12.55
C ALA B 185 -1.89 7.38 13.34
N ARG B 186 -0.96 7.52 14.27
CA ARG B 186 -0.94 8.72 15.11
C ARG B 186 -0.58 9.95 14.29
N VAL B 187 0.41 9.80 13.42
CA VAL B 187 0.84 10.93 12.60
C VAL B 187 1.06 10.51 11.16
N ARG B 188 0.47 11.26 10.24
CA ARG B 188 0.81 11.16 8.83
C ARG B 188 1.10 12.56 8.30
N ILE B 189 2.17 12.68 7.52
CA ILE B 189 2.56 13.97 6.97
C ILE B 189 2.74 13.91 5.46
N SER B 190 2.16 14.89 4.77
CA SER B 190 2.42 15.02 3.35
C SER B 190 3.05 16.37 3.07
N LEU B 191 4.00 16.39 2.13
CA LEU B 191 4.65 17.64 1.70
C LEU B 191 4.48 17.78 0.21
N ASP B 192 3.78 18.84 -0.20
CA ASP B 192 3.50 19.08 -1.60
C ASP B 192 4.38 20.21 -2.14
N THR B 193 5.16 19.91 -3.18
CA THR B 193 6.09 20.88 -3.74
C THR B 193 5.81 21.12 -5.22
N GLU B 194 6.42 22.16 -5.78
CA GLU B 194 6.14 22.60 -7.14
C GLU B 194 4.65 22.80 -7.35
N LEU B 195 3.97 23.31 -6.33
CA LEU B 195 2.53 23.46 -6.43
C LEU B 195 2.21 24.39 -7.56
N THR B 196 1.31 23.96 -8.44
CA THR B 196 0.93 24.77 -9.60
C THR B 196 -0.55 24.67 -9.91
N MET B 197 -1.15 25.80 -10.31
CA MET B 197 -2.52 25.85 -10.79
C MET B 197 -2.58 26.41 -12.21
N VAL B 198 -3.41 25.80 -13.04
CA VAL B 198 -3.46 26.13 -14.46
C VAL B 198 -4.92 26.23 -14.91
N ARG B 199 -5.26 27.29 -15.64
CA ARG B 199 -6.61 27.45 -16.16
C ARG B 199 -6.97 26.34 -17.10
N GLU B 200 -8.17 25.82 -16.94
CA GLU B 200 -8.73 24.82 -17.83
C GLU B 200 -10.04 25.32 -18.40
N ASP B 201 -10.41 26.54 -18.08
CA ASP B 201 -11.74 27.05 -18.46
C ASP B 201 -11.79 27.64 -19.88
N ASN B 202 -13.01 27.96 -20.33
CA ASN B 202 -13.22 28.67 -21.59
C ASN B 202 -13.95 29.99 -21.37
N PHE B 203 -13.90 30.52 -20.16
CA PHE B 203 -14.65 31.72 -19.83
C PHE B 203 -14.05 32.92 -20.56
N ASP B 204 -12.85 32.68 -21.08
CA ASP B 204 -12.05 33.68 -21.74
C ASP B 204 -12.45 33.84 -23.20
N GLY B 205 -13.21 32.88 -23.69
CA GLY B 205 -13.31 32.68 -25.13
C GLY B 205 -12.29 31.64 -25.58
N VAL B 206 -11.13 31.60 -24.91
CA VAL B 206 -10.10 30.62 -25.25
C VAL B 206 -10.59 29.22 -24.94
N ASP B 207 -10.66 28.38 -25.96
CA ASP B 207 -11.13 27.02 -25.81
C ASP B 207 -9.95 26.09 -25.43
N ARG B 208 -9.69 25.93 -24.13
CA ARG B 208 -8.45 25.28 -23.71
C ARG B 208 -8.48 23.76 -23.73
N THR B 209 -9.67 23.17 -23.67
CA THR B 209 -9.80 21.73 -23.52
C THR B 209 -10.30 21.04 -24.78
N HIS B 210 -10.92 21.81 -25.67
CA HIS B 210 -11.43 21.30 -26.92
C HIS B 210 -12.39 20.15 -26.72
N LYS B 211 -13.34 20.34 -25.82
CA LYS B 211 -14.39 19.38 -25.54
C LYS B 211 -13.91 18.19 -24.72
N ASN B 212 -12.65 18.23 -24.31
CA ASN B 212 -12.08 17.18 -23.46
C ASN B 212 -12.11 17.53 -21.96
N TRP B 213 -11.99 16.52 -21.09
CA TRP B 213 -12.04 16.73 -19.63
C TRP B 213 -10.80 17.41 -19.04
N ARG B 214 -9.74 17.50 -19.83
CA ARG B 214 -8.51 18.16 -19.40
C ARG B 214 -7.77 18.70 -20.63
N ARG B 215 -7.00 19.77 -20.46
CA ARG B 215 -6.12 20.26 -21.54
C ARG B 215 -5.17 19.14 -21.93
N THR B 216 -4.70 19.18 -23.17
CA THR B 216 -3.76 18.16 -23.66
C THR B 216 -2.43 18.73 -24.10
N ASP B 217 -2.24 20.04 -23.92
CA ASP B 217 -1.02 20.71 -24.37
C ASP B 217 0.00 20.79 -23.24
N ILE B 218 -0.34 20.17 -22.13
CA ILE B 218 0.63 19.94 -21.07
C ILE B 218 0.44 18.52 -20.58
N GLY B 219 1.45 18.01 -19.87
CA GLY B 219 1.35 16.73 -19.21
C GLY B 219 1.66 16.96 -17.73
N VAL B 220 2.73 16.35 -17.24
CA VAL B 220 3.19 16.63 -15.89
C VAL B 220 4.55 17.30 -15.96
N ASP B 221 4.83 17.90 -17.12
CA ASP B 221 6.11 18.56 -17.39
C ASP B 221 6.33 19.89 -16.69
N TRP B 222 6.21 19.91 -15.36
CA TRP B 222 6.52 21.11 -14.58
C TRP B 222 7.92 21.61 -14.99
N PRO B 223 8.13 22.94 -15.10
CA PRO B 223 7.27 24.09 -14.78
C PRO B 223 6.31 24.55 -15.88
N PHE B 224 6.05 23.70 -16.87
CA PHE B 224 5.09 24.02 -17.91
C PHE B 224 5.36 25.35 -18.65
N LYS B 225 6.60 25.55 -19.09
CA LYS B 225 7.00 26.84 -19.68
C LYS B 225 6.28 27.19 -20.98
N GLN B 226 5.68 26.21 -21.63
CA GLN B 226 4.93 26.46 -22.87
C GLN B 226 3.66 27.30 -22.63
N LEU B 227 3.15 27.27 -21.40
CA LEU B 227 1.92 27.99 -21.05
C LEU B 227 2.05 29.51 -21.12
N ASP B 228 0.98 30.17 -21.55
CA ASP B 228 0.88 31.61 -21.38
C ASP B 228 0.89 31.95 -19.90
N ASP B 229 1.63 32.99 -19.50
CA ASP B 229 1.74 33.37 -18.08
C ASP B 229 0.40 33.55 -17.39
N LYS B 230 -0.60 34.06 -18.12
CA LYS B 230 -1.91 34.34 -17.54
CA LYS B 230 -1.89 34.34 -17.52
C LYS B 230 -2.65 33.06 -17.18
N ASP B 231 -2.24 31.95 -17.81
CA ASP B 231 -2.90 30.68 -17.60
C ASP B 231 -2.33 29.85 -16.44
N ILE B 232 -1.32 30.38 -15.75
CA ILE B 232 -0.62 29.57 -14.75
C ILE B 232 -0.22 30.34 -13.49
N CYS B 233 -0.43 29.71 -12.34
CA CYS B 233 0.09 30.22 -11.07
C CYS B 233 1.14 29.23 -10.52
N ARG B 234 2.40 29.66 -10.50
CA ARG B 234 3.46 28.86 -9.88
C ARG B 234 3.59 29.31 -8.43
N PHE B 235 2.99 28.53 -7.53
CA PHE B 235 2.97 28.93 -6.15
C PHE B 235 4.36 28.74 -5.53
N PRO B 236 4.84 29.76 -4.79
CA PRO B 236 6.23 29.77 -4.27
C PRO B 236 6.51 28.82 -3.10
N TYR B 237 5.49 28.51 -2.29
CA TYR B 237 5.71 27.71 -1.09
C TYR B 237 5.28 26.26 -1.24
N ALA B 238 5.91 25.40 -0.44
CA ALA B 238 5.46 24.03 -0.30
C ALA B 238 4.26 24.03 0.65
N VAL B 239 3.39 23.05 0.52
CA VAL B 239 2.28 22.90 1.46
C VAL B 239 2.44 21.66 2.31
N LEU B 240 2.45 21.86 3.62
CA LEU B 240 2.62 20.76 4.55
C LEU B 240 1.26 20.43 5.13
N GLU B 241 0.92 19.15 5.11
CA GLU B 241 -0.33 18.72 5.71
C GLU B 241 -0.08 17.72 6.83
N VAL B 242 -0.56 18.02 8.02
CA VAL B 242 -0.34 17.15 9.17
C VAL B 242 -1.65 16.48 9.56
N LYS B 243 -1.71 15.16 9.42
CA LYS B 243 -2.92 14.41 9.78
C LYS B 243 -2.65 13.59 11.02
N LEU B 244 -3.44 13.86 12.07
CA LEU B 244 -3.31 13.17 13.35
C LEU B 244 -4.48 12.25 13.61
N GLN B 245 -4.19 11.07 14.15
CA GLN B 245 -5.21 10.19 14.68
C GLN B 245 -4.84 9.90 16.12
N THR B 246 -5.57 10.52 17.04
CA THR B 246 -5.24 10.48 18.45
C THR B 246 -6.31 9.75 19.27
N GLN B 247 -5.90 8.79 20.08
CA GLN B 247 -6.85 8.09 20.95
C GLN B 247 -7.36 9.02 22.04
N LEU B 248 -8.57 8.81 22.52
CA LEU B 248 -9.05 9.52 23.70
C LEU B 248 -8.33 8.97 24.92
N GLY B 249 -7.90 9.84 25.83
CA GLY B 249 -7.85 11.26 25.60
C GLY B 249 -6.38 11.57 25.73
N GLN B 250 -5.66 11.34 24.63
CA GLN B 250 -4.22 11.48 24.64
C GLN B 250 -3.84 12.68 23.80
N GLU B 251 -2.56 13.03 23.82
CA GLU B 251 -2.09 14.15 23.02
C GLU B 251 -1.30 13.68 21.79
N PRO B 252 -1.31 14.52 20.76
CA PRO B 252 -0.40 14.33 19.62
C PRO B 252 1.03 14.25 20.13
N PRO B 253 1.89 13.51 19.43
CA PRO B 253 3.30 13.47 19.83
C PRO B 253 3.85 14.87 20.01
N GLU B 254 4.71 15.05 21.00
CA GLU B 254 5.21 16.38 21.31
C GLU B 254 6.11 16.91 20.19
N TRP B 255 6.88 16.01 19.55
CA TRP B 255 7.69 16.44 18.42
C TRP B 255 6.79 17.10 17.38
N VAL B 256 5.59 16.59 17.20
CA VAL B 256 4.67 17.20 16.23
C VAL B 256 4.21 18.58 16.69
N ARG B 257 3.87 18.71 17.97
CA ARG B 257 3.42 19.99 18.50
C ARG B 257 4.51 21.02 18.35
N GLU B 258 5.74 20.60 18.53
CA GLU B 258 6.89 21.50 18.46
C GLU B 258 7.14 21.97 17.03
N LEU B 259 7.11 21.03 16.10
CA LEU B 259 7.38 21.34 14.71
C LEU B 259 6.38 22.36 14.19
N VAL B 260 5.09 22.11 14.44
CA VAL B 260 4.04 22.98 13.90
C VAL B 260 3.96 24.34 14.60
N GLY B 261 4.61 24.46 15.75
CA GLY B 261 4.72 25.75 16.42
C GLY B 261 6.01 26.50 16.07
N SER B 262 6.79 25.96 15.15
CA SER B 262 8.10 26.55 14.86
C SER B 262 8.09 27.51 13.66
N HIS B 263 9.15 28.30 13.55
CA HIS B 263 9.32 29.24 12.46
C HIS B 263 9.48 28.56 11.10
N LEU B 264 9.65 27.25 11.07
CA LEU B 264 9.79 26.55 9.78
C LEU B 264 8.47 26.41 9.02
N VAL B 265 7.36 26.60 9.71
CA VAL B 265 6.05 26.46 9.09
C VAL B 265 5.17 27.67 9.37
N GLU B 266 4.13 27.82 8.56
CA GLU B 266 3.20 28.93 8.72
C GLU B 266 1.79 28.38 8.60
N PRO B 267 1.05 28.32 9.72
CA PRO B 267 -0.32 27.77 9.68
C PRO B 267 -1.23 28.55 8.73
N VAL B 268 -1.96 27.84 7.88
CA VAL B 268 -2.97 28.44 7.03
C VAL B 268 -4.17 27.48 7.05
N PRO B 269 -4.97 27.56 8.11
CA PRO B 269 -6.09 26.64 8.34
C PRO B 269 -7.07 26.63 7.16
N LYS B 270 -7.46 25.44 6.73
CA LYS B 270 -8.41 25.32 5.62
C LYS B 270 -7.86 25.84 4.27
N PHE B 271 -6.56 26.05 4.17
CA PHE B 271 -6.01 26.37 2.86
C PHE B 271 -6.58 25.39 1.84
N SER B 272 -6.86 25.87 0.63
CA SER B 272 -7.46 25.05 -0.41
C SER B 272 -6.85 25.35 -1.78
N LYS B 273 -6.26 24.34 -2.40
CA LYS B 273 -5.65 24.55 -3.71
C LYS B 273 -6.70 24.98 -4.74
N PHE B 274 -7.89 24.40 -4.69
CA PHE B 274 -8.99 24.76 -5.60
C PHE B 274 -9.33 26.25 -5.48
N ILE B 275 -9.63 26.68 -4.27
CA ILE B 275 -9.98 28.07 -4.00
C ILE B 275 -8.83 29.01 -4.35
N HIS B 276 -7.60 28.61 -4.00
CA HIS B 276 -6.46 29.47 -4.36
C HIS B 276 -6.30 29.61 -5.86
N GLY B 277 -6.42 28.49 -6.57
CA GLY B 277 -6.29 28.50 -8.02
C GLY B 277 -7.32 29.41 -8.68
N VAL B 278 -8.57 29.33 -8.22
CA VAL B 278 -9.64 30.13 -8.84
C VAL B 278 -9.46 31.62 -8.54
N ALA B 279 -9.27 31.93 -7.26
CA ALA B 279 -9.09 33.32 -6.84
C ALA B 279 -7.88 33.97 -7.50
N THR B 280 -6.92 33.15 -7.93
CA THR B 280 -5.67 33.68 -8.48
C THR B 280 -5.76 33.84 -9.99
N LEU B 281 -6.19 32.77 -10.66
CA LEU B 281 -6.28 32.74 -12.11
C LEU B 281 -7.48 33.51 -12.68
N LEU B 282 -8.57 33.59 -11.93
CA LEU B 282 -9.74 34.31 -12.42
C LEU B 282 -10.01 35.50 -11.54
N ASN B 283 -8.94 36.20 -11.15
CA ASN B 283 -9.05 37.24 -10.14
C ASN B 283 -9.91 38.42 -10.56
N ASP B 284 -10.03 38.63 -11.87
CA ASP B 284 -10.88 39.70 -12.38
C ASP B 284 -12.34 39.31 -12.27
N LYS B 285 -12.58 38.01 -12.16
CA LYS B 285 -13.91 37.45 -12.28
C LYS B 285 -14.56 37.18 -10.92
N VAL B 286 -13.74 37.06 -9.86
CA VAL B 286 -14.26 36.86 -8.51
C VAL B 286 -14.24 38.15 -7.71
N ASP B 287 -15.21 38.31 -6.82
CA ASP B 287 -15.24 39.47 -5.91
C ASP B 287 -15.39 39.01 -4.45
N SER B 288 -14.89 37.81 -4.19
CA SER B 288 -14.76 37.24 -2.87
C SER B 288 -13.50 36.38 -2.87
N ILE B 289 -12.62 36.61 -1.90
CA ILE B 289 -11.27 36.07 -1.95
C ILE B 289 -10.89 35.47 -0.59
N PRO B 290 -10.15 34.34 -0.60
CA PRO B 290 -9.82 33.68 0.68
C PRO B 290 -8.98 34.61 1.55
N PHE B 291 -9.08 34.44 2.87
CA PHE B 291 -8.29 35.25 3.81
C PHE B 291 -6.77 35.27 3.51
N TRP B 292 -6.19 34.12 3.17
CA TRP B 292 -4.73 34.03 3.00
C TRP B 292 -4.19 34.88 1.84
N LEU B 293 -5.09 35.52 1.10
CA LEU B 293 -4.74 36.44 0.02
C LEU B 293 -4.98 37.88 0.43
N PRO B 294 -4.69 38.85 -0.47
CA PRO B 294 -5.06 40.26 -0.31
C PRO B 294 -6.50 40.44 0.18
P1 POP C . 9.24 -15.77 6.17
O1 POP C . 9.34 -17.09 6.91
O2 POP C . 7.81 -15.33 6.40
O3 POP C . 10.23 -14.78 6.75
O POP C . 9.49 -16.04 4.60
P2 POP C . 10.19 -15.04 3.55
O4 POP C . 11.37 -14.37 4.22
O5 POP C . 9.20 -14.02 3.05
O6 POP C . 10.70 -15.87 2.39
P1 POP D . 10.54 -20.37 6.74
O1 POP D . 10.03 -20.96 5.45
O2 POP D . 9.45 -20.41 7.78
O3 POP D . 11.76 -21.15 7.15
O POP D . 10.94 -18.83 6.43
P2 POP D . 11.93 -17.99 7.36
O4 POP D . 13.08 -18.90 7.76
O5 POP D . 11.20 -17.52 8.59
O6 POP D . 12.47 -16.80 6.57
S SO4 E . -6.08 -10.24 -5.90
O1 SO4 E . -5.83 -8.81 -6.07
O2 SO4 E . -7.26 -10.40 -5.04
O3 SO4 E . -6.33 -10.87 -7.20
O4 SO4 E . -4.90 -10.87 -5.32
S SO4 F . -10.49 -19.54 -14.66
O1 SO4 F . -9.93 -19.03 -13.40
O2 SO4 F . -11.43 -18.55 -15.21
O3 SO4 F . -9.38 -19.76 -15.60
O4 SO4 F . -11.21 -20.80 -14.45
S SO4 G . -10.40 -37.72 7.84
O1 SO4 G . -9.66 -37.50 6.60
O2 SO4 G . -10.67 -36.43 8.48
O3 SO4 G . -11.63 -38.44 7.54
O4 SO4 G . -9.59 -38.53 8.75
S SO4 H . 18.01 -21.92 4.65
O1 SO4 H . 18.32 -22.65 3.41
O2 SO4 H . 17.09 -20.81 4.39
O3 SO4 H . 17.41 -22.84 5.61
O4 SO4 H . 19.26 -21.38 5.19
P1 POP I . -5.70 15.42 -0.83
O1 POP I . -5.14 14.07 -1.21
O2 POP I . -7.19 15.34 -0.57
O3 POP I . -4.98 15.93 0.40
O POP I . -5.43 16.43 -2.06
P2 POP I . -5.74 18.02 -1.98
O4 POP I . -4.47 18.77 -1.67
O5 POP I . -6.81 18.29 -0.92
O6 POP I . -6.23 18.49 -3.33
S SO4 J . -14.51 -1.88 -20.68
O1 SO4 J . -14.46 -0.47 -20.29
O2 SO4 J . -15.79 -2.14 -21.33
O3 SO4 J . -13.41 -2.22 -21.59
O4 SO4 J . -14.39 -2.70 -19.47
S SO4 K . -13.73 21.31 5.47
O1 SO4 K . -12.69 21.66 4.51
O2 SO4 K . -13.89 22.43 6.39
O3 SO4 K . -14.98 21.06 4.75
O4 SO4 K . -13.36 20.10 6.22
S SO4 L . -3.02 2.62 -14.50
O1 SO4 L . -1.88 2.55 -13.58
O2 SO4 L . -3.95 3.64 -14.02
O3 SO4 L . -2.53 2.98 -15.83
O4 SO4 L . -3.72 1.33 -14.57
S SO4 M . 8.59 24.44 -4.15
O1 SO4 M . 9.76 24.21 -3.31
O2 SO4 M . 8.33 25.90 -4.20
O3 SO4 M . 8.87 23.93 -5.50
O4 SO4 M . 7.41 23.80 -3.57
C1 EDO N . -10.91 21.58 -2.18
O1 EDO N . -9.51 21.53 -2.39
C2 EDO N . -11.22 22.73 -1.20
O2 EDO N . -12.33 23.53 -1.56
#